data_3P1W
#
_entry.id   3P1W
#
_cell.length_a   80.885
_cell.length_b   116.565
_cell.length_c   125.916
_cell.angle_alpha   90.000
_cell.angle_beta   90.000
_cell.angle_gamma   90.000
#
_symmetry.space_group_name_H-M   'C 2 2 21'
#
loop_
_entity.id
_entity.type
_entity.pdbx_description
1 polymer 'RabGDI protein'
2 water water
#
_entity_poly.entity_id   1
_entity_poly.type   'polypeptide(L)'
_entity_poly.pdbx_seq_one_letter_code
;MHHHHHHSSGRENLYFQGEHYDVIILGTGLKECILSGLLSHYGKKILVLDRNPYYGGETASLNLTNLYNTFKPKENIPSK
YGENRHWNVDLIPKFILVGGNLVKILKKTRVTNYLEWLVVEGSYVYQHQKKGFLTSEKFIHKVPATDMEALVSPLLSLME
KNRCKNFYQYVSEWDANKRNTWDNLDPYKLTMLEIYKHFNLCQLTIDFLGHAVALYLNDDYLKQPAYLTLERIKLYMQSI
SAFGKSPFIYPLYGLGGIPEGFSRMCAINGGTFMLNKNVVDFVFDDDNKVCGIKSSDGEIAYCDKVICDPSYVMHLKNKI
KKIGQVIRCICILSNPIPETNQTNSCQIIIPQNQLNRKSDIYINLVSFQHGVTLKGKYIAIVSATVETNNPIKEIEKPLE
LLGTIEEKFVKISDLYVSTSKKPADNIFVTSSYDATSHFETATNDLLQIWENLWGQKLNFDDLNTNADGEAPDFN
;
_entity_poly.pdbx_strand_id   A
#
# COMPACT_ATOMS: atom_id res chain seq x y z
N GLN A 17 26.43 32.53 -3.08
CA GLN A 17 26.71 32.66 -1.63
C GLN A 17 26.12 31.48 -0.82
N GLY A 18 24.79 31.38 -0.78
CA GLY A 18 24.10 30.43 0.12
C GLY A 18 24.11 28.98 -0.35
N GLU A 19 23.76 28.06 0.56
CA GLU A 19 23.59 26.63 0.22
C GLU A 19 22.62 26.43 -0.94
N HIS A 20 22.94 25.52 -1.86
CA HIS A 20 22.05 25.24 -3.00
C HIS A 20 21.92 23.75 -3.30
N TYR A 21 20.69 23.32 -3.52
CA TYR A 21 20.39 21.93 -3.83
C TYR A 21 19.54 21.84 -5.08
N ASP A 22 19.63 20.72 -5.78
CA ASP A 22 18.73 20.47 -6.90
C ASP A 22 17.30 20.34 -6.36
N VAL A 23 17.14 19.50 -5.34
CA VAL A 23 15.83 19.26 -4.73
C VAL A 23 15.97 19.28 -3.22
N ILE A 24 15.06 19.97 -2.55
CA ILE A 24 14.90 19.83 -1.10
C ILE A 24 13.60 19.02 -0.85
N ILE A 25 13.70 18.04 0.02
CA ILE A 25 12.61 17.12 0.28
C ILE A 25 12.18 17.33 1.71
N LEU A 26 10.88 17.51 1.95
CA LEU A 26 10.37 17.79 3.28
C LEU A 26 9.46 16.63 3.68
N GLY A 27 9.81 15.99 4.80
CA GLY A 27 9.10 14.80 5.30
C GLY A 27 9.94 13.58 4.97
N THR A 28 9.93 12.58 5.86
CA THR A 28 10.57 11.30 5.60
C THR A 28 9.55 10.13 5.53
N GLY A 29 8.34 10.44 5.07
CA GLY A 29 7.38 9.39 4.70
C GLY A 29 8.05 8.54 3.63
N LEU A 30 7.52 7.35 3.45
CA LEU A 30 8.07 6.37 2.52
C LEU A 30 8.24 6.93 1.12
N LYS A 31 7.23 7.61 0.59
CA LYS A 31 7.36 8.16 -0.76
C LYS A 31 8.53 9.16 -0.88
N GLU A 32 8.66 10.04 0.10
CA GLU A 32 9.76 11.03 0.12
C GLU A 32 11.14 10.34 0.16
N CYS A 33 11.26 9.33 1.00
CA CYS A 33 12.50 8.57 1.12
C CYS A 33 12.87 7.87 -0.19
N ILE A 34 11.88 7.21 -0.81
CA ILE A 34 12.10 6.52 -2.09
C ILE A 34 12.52 7.48 -3.20
N LEU A 35 11.82 8.62 -3.30
CA LEU A 35 12.16 9.64 -4.27
C LEU A 35 13.55 10.22 -4.00
N SER A 36 13.89 10.43 -2.73
CA SER A 36 15.23 10.90 -2.36
C SER A 36 16.31 9.92 -2.84
N GLY A 37 16.04 8.63 -2.63
CA GLY A 37 16.90 7.54 -3.08
C GLY A 37 17.14 7.57 -4.58
N LEU A 38 16.06 7.68 -5.34
CA LEU A 38 16.14 7.82 -6.80
C LEU A 38 16.91 9.07 -7.25
N LEU A 39 16.66 10.21 -6.60
CA LEU A 39 17.39 11.45 -6.93
C LEU A 39 18.89 11.30 -6.66
N SER A 40 19.22 10.77 -5.49
CA SER A 40 20.62 10.54 -5.12
C SER A 40 21.27 9.53 -6.06
N HIS A 41 20.52 8.49 -6.44
CA HIS A 41 21.04 7.49 -7.39
C HIS A 41 21.39 8.11 -8.76
N TYR A 42 20.53 9.02 -9.24
CA TYR A 42 20.74 9.64 -10.56
C TYR A 42 21.58 10.93 -10.48
N GLY A 43 22.34 11.07 -9.39
CA GLY A 43 23.37 12.10 -9.29
C GLY A 43 22.88 13.47 -8.89
N LYS A 44 21.65 13.58 -8.37
CA LYS A 44 21.15 14.91 -7.99
C LYS A 44 21.60 15.27 -6.58
N LYS A 45 21.77 16.58 -6.33
CA LYS A 45 22.19 17.09 -5.02
C LYS A 45 20.95 17.43 -4.21
N ILE A 46 20.77 16.77 -3.07
CA ILE A 46 19.54 16.88 -2.30
C ILE A 46 19.78 17.13 -0.83
N LEU A 47 18.75 17.69 -0.18
CA LEU A 47 18.70 17.84 1.27
C LEU A 47 17.33 17.30 1.69
N VAL A 48 17.29 16.50 2.75
CA VAL A 48 16.03 15.93 3.26
C VAL A 48 15.83 16.41 4.69
N LEU A 49 14.70 17.08 4.95
CA LEU A 49 14.41 17.71 6.24
C LEU A 49 13.09 17.21 6.79
N ASP A 50 13.01 17.02 8.10
CA ASP A 50 11.79 16.60 8.77
C ASP A 50 11.65 17.32 10.09
N ARG A 51 10.48 17.88 10.34
CA ARG A 51 10.21 18.57 11.59
C ARG A 51 10.22 17.65 12.82
N ASN A 52 9.92 16.37 12.60
CA ASN A 52 9.77 15.40 13.68
C ASN A 52 11.10 14.90 14.21
N PRO A 53 11.11 14.36 15.45
CA PRO A 53 12.31 13.73 16.01
C PRO A 53 12.51 12.25 15.64
N TYR A 54 11.67 11.71 14.76
CA TYR A 54 11.72 10.32 14.30
C TYR A 54 11.50 10.33 12.78
N TYR A 55 11.94 9.28 12.08
CA TYR A 55 11.74 9.15 10.63
C TYR A 55 10.35 8.57 10.34
N GLY A 56 9.83 8.82 9.14
CA GLY A 56 8.68 8.03 8.62
C GLY A 56 7.42 8.80 8.33
N GLY A 57 7.30 10.01 8.90
CA GLY A 57 6.09 10.81 8.79
C GLY A 57 4.83 10.00 9.11
N GLU A 58 3.86 10.02 8.18
CA GLU A 58 2.60 9.29 8.36
C GLU A 58 2.80 7.78 8.32
N THR A 59 3.92 7.36 7.72
CA THR A 59 4.34 5.96 7.66
C THR A 59 5.33 5.58 8.77
N ALA A 60 5.34 6.30 9.88
CA ALA A 60 6.26 5.97 10.98
C ALA A 60 6.01 4.59 11.59
N SER A 61 7.08 4.03 12.14
CA SER A 61 7.05 2.78 12.88
C SER A 61 7.16 3.07 14.38
N LEU A 62 6.24 2.54 15.19
CA LEU A 62 6.20 2.84 16.65
C LEU A 62 6.51 1.60 17.51
N ASN A 63 7.30 1.79 18.57
CA ASN A 63 7.43 0.76 19.59
C ASN A 63 6.25 0.85 20.57
N LEU A 64 6.29 0.09 21.65
CA LEU A 64 5.18 0.14 22.60
C LEU A 64 5.01 1.49 23.24
N THR A 65 6.10 2.04 23.78
CA THR A 65 6.06 3.35 24.42
C THR A 65 5.41 4.38 23.50
N ASN A 66 5.82 4.37 22.24
CA ASN A 66 5.35 5.40 21.36
C ASN A 66 3.93 5.13 20.87
N LEU A 67 3.56 3.86 20.73
CA LEU A 67 2.20 3.51 20.34
C LEU A 67 1.25 4.01 21.43
N TYR A 68 1.62 3.73 22.69
CA TYR A 68 0.78 4.13 23.81
C TYR A 68 0.79 5.64 24.02
N ASN A 69 1.95 6.28 23.88
CA ASN A 69 2.01 7.74 24.03
C ASN A 69 1.14 8.43 23.01
N THR A 70 1.11 7.85 21.81
CA THR A 70 0.40 8.44 20.67
C THR A 70 -1.11 8.26 20.75
N PHE A 71 -1.55 7.07 21.10
CA PHE A 71 -2.96 6.72 21.06
C PHE A 71 -3.62 6.59 22.44
N LYS A 72 -2.84 6.23 23.46
CA LYS A 72 -3.40 5.97 24.81
C LYS A 72 -2.49 6.59 25.88
N PRO A 73 -2.27 7.91 25.80
CA PRO A 73 -1.34 8.60 26.63
C PRO A 73 -1.68 8.62 28.11
N LYS A 74 -2.92 8.30 28.47
CA LYS A 74 -3.30 8.27 29.90
C LYS A 74 -3.07 6.92 30.57
N GLU A 75 -2.70 5.92 29.77
CA GLU A 75 -2.64 4.52 30.20
C GLU A 75 -1.22 4.00 30.41
N ASN A 76 -1.08 3.10 31.38
CA ASN A 76 0.14 2.32 31.56
C ASN A 76 0.19 1.28 30.46
N ILE A 77 1.39 0.94 30.02
CA ILE A 77 1.54 -0.14 29.04
C ILE A 77 1.42 -1.46 29.79
N PRO A 78 0.54 -2.36 29.34
CA PRO A 78 0.44 -3.65 30.01
C PRO A 78 1.76 -4.42 30.03
N SER A 79 2.12 -4.93 31.21
CA SER A 79 3.32 -5.73 31.39
C SER A 79 3.41 -6.93 30.46
N LYS A 80 2.27 -7.52 30.11
CA LYS A 80 2.29 -8.72 29.28
C LYS A 80 2.87 -8.49 27.89
N TYR A 81 2.99 -7.23 27.46
CA TYR A 81 3.52 -6.93 26.13
C TYR A 81 5.04 -6.87 26.08
N GLY A 82 5.67 -6.89 27.25
CA GLY A 82 7.12 -7.03 27.31
C GLY A 82 7.84 -5.77 26.88
N GLU A 83 9.04 -5.94 26.33
CA GLU A 83 9.94 -4.82 26.07
C GLU A 83 9.72 -4.19 24.71
N ASN A 84 10.07 -2.90 24.62
CA ASN A 84 9.95 -2.14 23.37
C ASN A 84 10.59 -2.78 22.14
N ARG A 85 11.72 -3.46 22.29
CA ARG A 85 12.46 -3.97 21.12
C ARG A 85 11.69 -5.00 20.27
N HIS A 86 10.67 -5.63 20.85
CA HIS A 86 9.88 -6.64 20.14
C HIS A 86 8.83 -5.99 19.25
N TRP A 87 8.55 -4.71 19.48
CA TRP A 87 7.44 -4.04 18.80
C TRP A 87 7.90 -3.03 17.77
N ASN A 88 7.46 -3.22 16.54
CA ASN A 88 7.71 -2.27 15.45
C ASN A 88 6.41 -2.12 14.65
N VAL A 89 5.52 -1.25 15.13
CA VAL A 89 4.16 -1.15 14.61
C VAL A 89 4.07 -0.01 13.58
N ASP A 90 3.98 -0.39 12.31
CA ASP A 90 3.82 0.55 11.25
C ASP A 90 2.44 1.20 11.36
N LEU A 91 2.35 2.52 11.29
CA LEU A 91 1.05 3.18 11.23
C LEU A 91 0.29 2.80 9.96
N ILE A 92 1.04 2.58 8.87
CA ILE A 92 0.48 2.31 7.57
C ILE A 92 1.21 1.11 6.97
N PRO A 93 0.86 -0.11 7.44
CA PRO A 93 1.52 -1.31 6.95
C PRO A 93 0.95 -1.67 5.59
N LYS A 94 1.76 -1.51 4.58
CA LYS A 94 1.37 -1.93 3.24
C LYS A 94 2.31 -3.04 2.78
N PHE A 95 1.73 -4.14 2.36
CA PHE A 95 2.56 -5.19 1.76
C PHE A 95 2.97 -4.89 0.31
N ILE A 96 4.02 -5.55 -0.16
CA ILE A 96 4.66 -5.21 -1.43
C ILE A 96 4.61 -6.38 -2.39
N LEU A 97 4.06 -6.15 -3.58
CA LEU A 97 3.95 -7.19 -4.59
C LEU A 97 5.34 -7.53 -5.14
N VAL A 98 5.71 -8.81 -5.08
CA VAL A 98 7.05 -9.27 -5.51
C VAL A 98 7.40 -8.76 -6.92
N GLY A 99 6.42 -8.78 -7.83
CA GLY A 99 6.67 -8.35 -9.21
C GLY A 99 6.36 -6.89 -9.52
N GLY A 100 6.02 -6.11 -8.50
CA GLY A 100 5.68 -4.71 -8.70
C GLY A 100 6.91 -3.83 -8.82
N ASN A 101 6.64 -2.53 -8.97
CA ASN A 101 7.67 -1.52 -9.21
C ASN A 101 8.46 -1.07 -8.00
N LEU A 102 7.89 -1.13 -6.78
CA LEU A 102 8.68 -0.73 -5.61
C LEU A 102 9.89 -1.65 -5.50
N VAL A 103 9.67 -2.94 -5.71
CA VAL A 103 10.78 -3.90 -5.69
C VAL A 103 11.85 -3.51 -6.71
N LYS A 104 11.42 -3.11 -7.91
CA LYS A 104 12.37 -2.71 -8.96
C LYS A 104 13.15 -1.46 -8.54
N ILE A 105 12.45 -0.51 -7.93
CA ILE A 105 13.05 0.71 -7.42
C ILE A 105 14.07 0.41 -6.33
N LEU A 106 13.73 -0.48 -5.42
CA LEU A 106 14.64 -0.84 -4.34
C LEU A 106 15.87 -1.56 -4.89
N LYS A 107 15.70 -2.33 -5.97
CA LYS A 107 16.84 -3.00 -6.62
C LYS A 107 17.74 -1.95 -7.24
N LYS A 108 17.17 -1.09 -8.08
CA LYS A 108 17.93 -0.05 -8.77
C LYS A 108 18.75 0.82 -7.82
N THR A 109 18.14 1.26 -6.72
CA THR A 109 18.80 2.16 -5.76
C THR A 109 19.71 1.42 -4.79
N ARG A 110 19.69 0.08 -4.87
CA ARG A 110 20.53 -0.79 -4.03
C ARG A 110 20.24 -0.61 -2.55
N VAL A 111 18.96 -0.39 -2.23
CA VAL A 111 18.52 -0.32 -0.85
C VAL A 111 17.99 -1.67 -0.37
N THR A 112 17.64 -2.56 -1.31
CA THR A 112 17.08 -3.88 -0.98
C THR A 112 17.84 -4.61 0.12
N ASN A 113 19.16 -4.49 0.08
CA ASN A 113 20.05 -5.30 0.91
C ASN A 113 20.24 -4.76 2.33
N TYR A 114 19.73 -3.55 2.59
CA TYR A 114 19.65 -3.05 3.96
C TYR A 114 18.46 -3.69 4.67
N LEU A 115 17.61 -4.40 3.93
CA LEU A 115 16.42 -5.03 4.49
C LEU A 115 16.44 -6.52 4.28
N GLU A 116 15.76 -7.22 5.18
CA GLU A 116 15.54 -8.65 5.08
C GLU A 116 14.05 -8.79 4.75
N TRP A 117 13.73 -9.54 3.71
CA TRP A 117 12.36 -9.68 3.22
C TRP A 117 11.79 -11.02 3.59
N LEU A 118 10.56 -11.03 4.10
CA LEU A 118 9.89 -12.27 4.40
C LEU A 118 8.52 -12.27 3.74
N VAL A 119 8.14 -13.43 3.20
CA VAL A 119 6.87 -13.56 2.48
C VAL A 119 5.71 -13.44 3.45
N VAL A 120 4.65 -12.82 2.97
CA VAL A 120 3.40 -12.80 3.67
C VAL A 120 2.75 -14.16 3.47
N GLU A 121 2.32 -14.77 4.55
CA GLU A 121 2.02 -16.22 4.51
C GLU A 121 0.72 -16.57 3.82
N GLY A 122 -0.21 -15.61 3.69
CA GLY A 122 -1.42 -15.89 2.96
C GLY A 122 -2.16 -14.69 2.45
N SER A 123 -2.95 -14.94 1.42
CA SER A 123 -3.79 -13.93 0.78
C SER A 123 -5.20 -14.45 0.79
N TYR A 124 -6.13 -13.65 1.30
CA TYR A 124 -7.52 -14.03 1.49
C TYR A 124 -8.42 -12.98 0.86
N VAL A 125 -9.63 -13.41 0.51
CA VAL A 125 -10.64 -12.53 0.00
C VAL A 125 -11.98 -12.84 0.70
N TYR A 126 -12.79 -11.81 0.92
CA TYR A 126 -14.09 -11.97 1.58
C TYR A 126 -15.18 -12.27 0.55
N GLN A 127 -15.93 -13.35 0.79
CA GLN A 127 -17.09 -13.72 0.03
C GLN A 127 -18.01 -14.47 1.04
N HIS A 128 -19.06 -13.81 1.47
CA HIS A 128 -19.95 -14.40 2.46
C HIS A 128 -20.73 -15.57 1.84
N GLN A 129 -20.70 -16.69 2.54
CA GLN A 129 -21.48 -17.86 2.16
C GLN A 129 -22.37 -18.18 3.34
N LYS A 130 -23.67 -18.19 3.10
CA LYS A 130 -24.64 -18.45 4.18
C LYS A 130 -24.57 -19.90 4.67
N LYS A 131 -24.85 -20.09 5.95
CA LYS A 131 -24.93 -21.43 6.55
C LYS A 131 -25.87 -22.32 5.77
N GLY A 132 -25.41 -23.51 5.43
CA GLY A 132 -26.25 -24.53 4.79
C GLY A 132 -26.57 -25.65 5.74
N PHE A 133 -27.10 -26.72 5.18
CA PHE A 133 -27.46 -27.93 5.94
C PHE A 133 -26.23 -28.78 6.26
N LEU A 134 -25.25 -28.79 5.35
CA LEU A 134 -24.01 -29.55 5.49
C LEU A 134 -22.74 -28.68 5.50
N THR A 135 -22.90 -27.36 5.47
CA THR A 135 -21.76 -26.43 5.39
C THR A 135 -21.95 -25.27 6.36
N SER A 136 -20.84 -24.84 6.96
CA SER A 136 -20.85 -23.73 7.88
C SER A 136 -20.89 -22.41 7.12
N GLU A 137 -21.35 -21.37 7.79
CA GLU A 137 -21.27 -20.01 7.29
C GLU A 137 -19.78 -19.68 7.11
N LYS A 138 -19.44 -19.00 6.04
CA LYS A 138 -18.04 -18.61 5.81
C LYS A 138 -17.96 -17.17 5.35
N PHE A 139 -16.79 -16.57 5.58
CA PHE A 139 -16.55 -15.17 5.26
C PHE A 139 -15.32 -14.96 4.41
N ILE A 140 -14.23 -15.61 4.75
CA ILE A 140 -12.98 -15.37 4.01
C ILE A 140 -12.34 -16.65 3.52
N HIS A 141 -11.63 -16.53 2.40
CA HIS A 141 -11.13 -17.66 1.63
C HIS A 141 -9.76 -17.34 1.02
N LYS A 142 -8.93 -18.36 0.89
CA LYS A 142 -7.66 -18.24 0.19
C LYS A 142 -7.91 -17.80 -1.22
N VAL A 143 -7.09 -16.88 -1.70
CA VAL A 143 -7.15 -16.41 -3.06
C VAL A 143 -6.39 -17.40 -3.95
N PRO A 144 -7.08 -18.03 -4.89
CA PRO A 144 -6.40 -19.00 -5.76
C PRO A 144 -5.56 -18.30 -6.78
N ALA A 145 -4.33 -18.80 -6.97
CA ALA A 145 -3.39 -18.16 -7.88
C ALA A 145 -2.79 -19.11 -8.91
N THR A 146 -3.18 -20.37 -8.89
CA THR A 146 -2.78 -21.29 -9.97
C THR A 146 -4.01 -22.03 -10.47
N ASP A 147 -3.86 -22.63 -11.64
CA ASP A 147 -4.94 -23.41 -12.23
C ASP A 147 -5.42 -24.48 -11.25
N MET A 148 -4.48 -25.14 -10.59
CA MET A 148 -4.81 -26.20 -9.64
C MET A 148 -5.52 -25.66 -8.40
N GLU A 149 -5.15 -24.46 -7.96
CA GLU A 149 -5.80 -23.83 -6.80
C GLU A 149 -7.24 -23.47 -7.14
N ALA A 150 -7.47 -22.99 -8.36
CA ALA A 150 -8.82 -22.66 -8.83
C ALA A 150 -9.77 -23.86 -8.86
N LEU A 151 -9.27 -25.00 -9.32
CA LEU A 151 -10.10 -26.20 -9.50
C LEU A 151 -10.64 -26.72 -8.15
N VAL A 152 -9.97 -26.29 -7.08
CA VAL A 152 -10.18 -26.71 -5.69
C VAL A 152 -10.69 -25.55 -4.79
N SER A 153 -11.11 -24.44 -5.39
CA SER A 153 -11.41 -23.24 -4.58
C SER A 153 -12.82 -23.20 -4.02
N PRO A 154 -12.95 -23.04 -2.69
CA PRO A 154 -14.29 -22.86 -2.07
C PRO A 154 -15.03 -21.59 -2.52
N LEU A 155 -14.34 -20.71 -3.23
CA LEU A 155 -14.97 -19.52 -3.79
C LEU A 155 -15.86 -19.81 -4.99
N LEU A 156 -15.76 -21.02 -5.54
CA LEU A 156 -16.35 -21.33 -6.83
C LEU A 156 -17.21 -22.60 -6.72
N SER A 157 -18.38 -22.58 -7.34
CA SER A 157 -19.17 -23.83 -7.49
C SER A 157 -18.37 -24.89 -8.25
N LEU A 158 -18.81 -26.15 -8.15
N LEU A 158 -18.73 -26.16 -8.07
CA LEU A 158 -18.08 -27.28 -8.75
CA LEU A 158 -18.25 -27.18 -8.99
C LEU A 158 -17.72 -27.05 -10.21
C LEU A 158 -18.81 -26.72 -10.32
N MET A 159 -18.65 -26.45 -10.97
N MET A 159 -17.98 -26.78 -11.35
CA MET A 159 -18.47 -26.26 -12.41
CA MET A 159 -18.37 -26.25 -12.65
C MET A 159 -17.64 -25.01 -12.70
C MET A 159 -17.66 -24.92 -12.82
N GLU A 160 -17.92 -23.95 -11.95
CA GLU A 160 -17.16 -22.69 -12.00
C GLU A 160 -15.68 -22.95 -11.74
N LYS A 161 -15.37 -23.98 -10.95
CA LYS A 161 -14.00 -24.37 -10.69
C LYS A 161 -13.25 -24.70 -11.98
N ASN A 162 -13.89 -25.49 -12.85
CA ASN A 162 -13.30 -25.88 -14.11
C ASN A 162 -13.10 -24.66 -15.00
N ARG A 163 -14.10 -23.79 -15.04
CA ARG A 163 -14.05 -22.57 -15.85
C ARG A 163 -12.90 -21.66 -15.39
N CYS A 164 -12.77 -21.47 -14.08
CA CYS A 164 -11.66 -20.66 -13.55
C CYS A 164 -10.30 -21.31 -13.81
N LYS A 165 -10.23 -22.64 -13.73
CA LYS A 165 -9.00 -23.37 -14.08
C LYS A 165 -8.62 -23.05 -15.51
N ASN A 166 -9.59 -23.08 -16.41
CA ASN A 166 -9.37 -22.81 -17.83
C ASN A 166 -8.88 -21.37 -18.03
N PHE A 167 -9.47 -20.46 -17.27
CA PHE A 167 -9.06 -19.05 -17.34
C PHE A 167 -7.62 -18.89 -16.90
N TYR A 168 -7.26 -19.46 -15.76
CA TYR A 168 -5.87 -19.37 -15.29
C TYR A 168 -4.89 -20.03 -16.25
N GLN A 169 -5.26 -21.16 -16.82
CA GLN A 169 -4.42 -21.80 -17.84
C GLN A 169 -4.18 -20.84 -19.02
N TYR A 170 -5.25 -20.24 -19.52
CA TYR A 170 -5.15 -19.25 -20.59
C TYR A 170 -4.20 -18.10 -20.25
N VAL A 171 -4.41 -17.48 -19.08
CA VAL A 171 -3.59 -16.33 -18.69
C VAL A 171 -2.12 -16.73 -18.52
N SER A 172 -1.92 -17.92 -17.96
CA SER A 172 -0.58 -18.44 -17.71
C SER A 172 0.26 -18.53 -19.02
N GLU A 173 -0.40 -18.77 -20.15
CA GLU A 173 0.28 -18.86 -21.45
C GLU A 173 0.11 -17.64 -22.35
N TRP A 174 -0.68 -16.68 -21.88
CA TRP A 174 -0.98 -15.47 -22.63
C TRP A 174 0.22 -14.51 -22.68
N ASP A 175 0.39 -13.86 -23.82
CA ASP A 175 1.47 -12.90 -24.04
C ASP A 175 0.93 -11.72 -24.83
N ALA A 176 1.13 -10.52 -24.29
CA ALA A 176 0.62 -9.29 -24.89
C ALA A 176 1.13 -9.08 -26.33
N ASN A 177 2.27 -9.69 -26.67
CA ASN A 177 2.94 -9.47 -27.96
C ASN A 177 2.99 -10.70 -28.87
N LYS A 178 2.38 -11.80 -28.44
CA LYS A 178 2.34 -13.02 -29.24
C LYS A 178 0.89 -13.43 -29.50
N ARG A 179 0.44 -13.16 -30.73
CA ARG A 179 -0.94 -13.40 -31.15
C ARG A 179 -1.35 -14.88 -31.09
N ASN A 180 -0.39 -15.78 -31.32
CA ASN A 180 -0.69 -17.22 -31.29
C ASN A 180 -1.01 -17.77 -29.89
N THR A 181 -0.83 -16.94 -28.86
CA THR A 181 -1.24 -17.28 -27.48
C THR A 181 -2.61 -16.68 -27.10
N TRP A 182 -3.28 -16.02 -28.03
CA TRP A 182 -4.54 -15.33 -27.74
C TRP A 182 -5.80 -16.16 -27.91
N ASP A 183 -5.68 -17.31 -28.60
CA ASP A 183 -6.84 -18.12 -28.98
C ASP A 183 -7.92 -17.25 -29.65
N ASN A 184 -7.46 -16.32 -30.49
CA ASN A 184 -8.32 -15.42 -31.29
C ASN A 184 -9.14 -14.42 -30.50
N LEU A 185 -8.66 -14.06 -29.31
CA LEU A 185 -9.24 -12.99 -28.51
C LEU A 185 -8.26 -11.82 -28.56
N ASP A 186 -8.61 -10.77 -29.30
CA ASP A 186 -7.77 -9.56 -29.40
C ASP A 186 -7.87 -8.78 -28.08
N PRO A 187 -6.79 -8.75 -27.27
CA PRO A 187 -6.87 -8.07 -25.96
C PRO A 187 -6.79 -6.54 -26.04
N TYR A 188 -6.47 -6.00 -27.22
CA TYR A 188 -6.45 -4.54 -27.44
C TYR A 188 -7.80 -4.01 -27.92
N LYS A 189 -8.62 -4.89 -28.48
CA LYS A 189 -9.94 -4.50 -28.99
C LYS A 189 -11.06 -4.94 -28.04
N LEU A 190 -10.96 -6.15 -27.52
CA LEU A 190 -11.95 -6.65 -26.55
C LEU A 190 -11.69 -6.05 -25.17
N THR A 191 -12.77 -5.83 -24.43
CA THR A 191 -12.67 -5.40 -23.05
C THR A 191 -12.43 -6.60 -22.13
N MET A 192 -12.01 -6.35 -20.89
CA MET A 192 -11.81 -7.47 -19.97
C MET A 192 -13.12 -8.22 -19.74
N LEU A 193 -14.23 -7.50 -19.73
CA LEU A 193 -15.54 -8.11 -19.48
C LEU A 193 -15.84 -9.12 -20.59
N GLU A 194 -15.52 -8.77 -21.83
CA GLU A 194 -15.75 -9.70 -22.94
C GLU A 194 -14.87 -10.95 -22.79
N ILE A 195 -13.66 -10.79 -22.23
CA ILE A 195 -12.80 -11.95 -21.95
C ILE A 195 -13.40 -12.84 -20.85
N TYR A 196 -13.91 -12.23 -19.78
CA TYR A 196 -14.59 -12.99 -18.73
C TYR A 196 -15.76 -13.80 -19.31
N LYS A 197 -16.63 -13.12 -20.06
CA LYS A 197 -17.77 -13.75 -20.72
C LYS A 197 -17.38 -14.88 -21.66
N HIS A 198 -16.21 -14.77 -22.29
CA HIS A 198 -15.71 -15.85 -23.14
C HIS A 198 -15.48 -17.11 -22.30
N PHE A 199 -14.94 -16.94 -21.09
CA PHE A 199 -14.75 -18.10 -20.19
C PHE A 199 -15.99 -18.40 -19.35
N ASN A 200 -17.07 -17.64 -19.54
CA ASN A 200 -18.31 -17.83 -18.83
C ASN A 200 -18.14 -17.78 -17.30
N LEU A 201 -17.29 -16.87 -16.83
CA LEU A 201 -17.09 -16.69 -15.38
C LEU A 201 -18.26 -15.90 -14.76
N CYS A 202 -18.71 -16.31 -13.57
CA CYS A 202 -19.81 -15.61 -12.86
C CYS A 202 -19.33 -14.38 -12.05
N GLN A 203 -20.30 -13.62 -11.54
CA GLN A 203 -20.03 -12.32 -10.95
C GLN A 203 -19.10 -12.41 -9.75
N LEU A 204 -19.35 -13.35 -8.83
CA LEU A 204 -18.50 -13.54 -7.67
C LEU A 204 -17.07 -13.89 -8.07
N THR A 205 -16.90 -14.64 -9.16
CA THR A 205 -15.56 -14.94 -9.68
C THR A 205 -14.86 -13.68 -10.17
N ILE A 206 -15.60 -12.89 -10.95
CA ILE A 206 -15.15 -11.59 -11.45
C ILE A 206 -14.75 -10.68 -10.28
N ASP A 207 -15.56 -10.72 -9.23
CA ASP A 207 -15.28 -9.95 -8.02
C ASP A 207 -13.90 -10.21 -7.44
N PHE A 208 -13.57 -11.47 -7.16
CA PHE A 208 -12.26 -11.72 -6.52
C PHE A 208 -11.13 -11.62 -7.52
N LEU A 209 -11.38 -11.98 -8.78
CA LEU A 209 -10.32 -11.77 -9.80
C LEU A 209 -9.92 -10.30 -9.91
N GLY A 210 -10.91 -9.42 -10.01
CA GLY A 210 -10.63 -8.01 -10.20
C GLY A 210 -9.99 -7.34 -8.99
N HIS A 211 -10.52 -7.63 -7.82
CA HIS A 211 -10.14 -6.95 -6.59
C HIS A 211 -8.97 -7.60 -5.88
N ALA A 212 -8.86 -8.93 -5.94
CA ALA A 212 -7.86 -9.66 -5.14
C ALA A 212 -6.70 -10.25 -5.94
N VAL A 213 -6.84 -10.33 -7.26
CA VAL A 213 -5.77 -10.91 -8.11
C VAL A 213 -5.21 -9.80 -9.03
N ALA A 214 -6.09 -9.13 -9.80
CA ALA A 214 -5.69 -7.94 -10.55
C ALA A 214 -5.43 -6.70 -9.65
N LEU A 215 -5.91 -6.76 -8.41
CA LEU A 215 -5.65 -5.73 -7.39
C LEU A 215 -6.17 -4.34 -7.73
N TYR A 216 -7.30 -4.33 -8.42
CA TYR A 216 -7.98 -3.09 -8.72
C TYR A 216 -8.84 -2.64 -7.52
N LEU A 217 -9.22 -1.36 -7.54
CA LEU A 217 -10.01 -0.74 -6.48
C LEU A 217 -11.50 -0.71 -6.75
N ASN A 218 -11.86 -0.90 -8.02
CA ASN A 218 -13.25 -0.84 -8.44
C ASN A 218 -13.38 -1.60 -9.77
N ASP A 219 -14.58 -1.58 -10.35
CA ASP A 219 -14.85 -2.36 -11.56
C ASP A 219 -14.78 -1.56 -12.88
N ASP A 220 -14.14 -0.39 -12.87
CA ASP A 220 -13.95 0.38 -14.13
C ASP A 220 -13.17 -0.40 -15.19
N TYR A 221 -12.22 -1.24 -14.75
CA TYR A 221 -11.41 -2.05 -15.68
C TYR A 221 -12.24 -2.91 -16.64
N LEU A 222 -13.46 -3.27 -16.23
CA LEU A 222 -14.33 -4.15 -17.01
C LEU A 222 -14.57 -3.59 -18.40
N LYS A 223 -14.67 -2.27 -18.50
CA LYS A 223 -14.95 -1.58 -19.75
C LYS A 223 -13.69 -1.20 -20.52
N GLN A 224 -12.53 -1.33 -19.90
CA GLN A 224 -11.25 -1.03 -20.54
C GLN A 224 -10.71 -2.24 -21.31
N PRO A 225 -9.76 -2.01 -22.24
CA PRO A 225 -9.15 -3.12 -22.99
C PRO A 225 -8.54 -4.22 -22.11
N ALA A 226 -8.68 -5.47 -22.55
CA ALA A 226 -8.37 -6.65 -21.74
C ALA A 226 -6.88 -6.77 -21.34
N TYR A 227 -5.96 -6.42 -22.25
CA TYR A 227 -4.52 -6.63 -22.01
C TYR A 227 -4.01 -6.03 -20.69
N LEU A 228 -4.56 -4.88 -20.31
CA LEU A 228 -4.19 -4.21 -19.06
C LEU A 228 -4.42 -5.14 -17.87
N THR A 229 -5.55 -5.84 -17.90
CA THR A 229 -5.94 -6.68 -16.77
C THR A 229 -5.27 -8.05 -16.85
N LEU A 230 -5.15 -8.58 -18.07
CA LEU A 230 -4.46 -9.84 -18.25
C LEU A 230 -3.02 -9.75 -17.73
N GLU A 231 -2.35 -8.64 -18.01
CA GLU A 231 -0.97 -8.46 -17.56
C GLU A 231 -0.89 -8.47 -16.04
N ARG A 232 -1.85 -7.83 -15.40
CA ARG A 232 -1.88 -7.75 -13.95
C ARG A 232 -2.16 -9.10 -13.30
N ILE A 233 -3.13 -9.82 -13.86
CA ILE A 233 -3.45 -11.17 -13.39
C ILE A 233 -2.24 -12.08 -13.60
N LYS A 234 -1.64 -12.03 -14.78
CA LYS A 234 -0.42 -12.80 -15.03
C LYS A 234 0.70 -12.44 -14.05
N LEU A 235 0.86 -11.15 -13.78
CA LEU A 235 1.88 -10.69 -12.83
C LEU A 235 1.67 -11.24 -11.42
N TYR A 236 0.42 -11.26 -10.96
CA TYR A 236 0.10 -11.85 -9.67
C TYR A 236 0.56 -13.31 -9.68
N MET A 237 0.12 -14.03 -10.71
CA MET A 237 0.44 -15.45 -10.86
C MET A 237 1.95 -15.73 -10.89
N GLN A 238 2.71 -14.92 -11.64
CA GLN A 238 4.18 -15.03 -11.70
C GLN A 238 4.85 -14.71 -10.35
N SER A 239 4.29 -13.72 -9.65
CA SER A 239 4.86 -13.23 -8.40
C SER A 239 4.88 -14.23 -7.26
N ILE A 240 3.98 -15.23 -7.31
N ILE A 240 4.01 -15.24 -7.30
CA ILE A 240 3.92 -16.28 -6.29
CA ILE A 240 3.95 -16.23 -6.22
C ILE A 240 5.16 -17.17 -6.29
C ILE A 240 5.07 -17.27 -6.30
N SER A 241 5.69 -17.43 -7.48
CA SER A 241 6.75 -18.43 -7.66
C SER A 241 8.02 -18.14 -6.85
N ALA A 242 8.30 -16.86 -6.61
CA ALA A 242 9.44 -16.44 -5.76
C ALA A 242 9.40 -17.17 -4.40
N PHE A 243 8.33 -16.94 -3.62
CA PHE A 243 8.23 -17.48 -2.26
C PHE A 243 7.08 -18.48 -2.06
N GLY A 244 6.28 -18.76 -3.07
CA GLY A 244 5.20 -19.76 -2.96
C GLY A 244 3.93 -19.41 -2.18
N LYS A 245 4.08 -18.95 -0.95
CA LYS A 245 2.98 -18.79 -0.04
C LYS A 245 2.01 -17.69 -0.51
N SER A 246 2.55 -16.59 -0.99
CA SER A 246 1.76 -15.49 -1.55
C SER A 246 2.66 -14.68 -2.46
N PRO A 247 2.09 -13.73 -3.25
CA PRO A 247 2.92 -12.86 -4.06
C PRO A 247 3.37 -11.58 -3.35
N PHE A 248 3.23 -11.52 -2.04
CA PHE A 248 3.56 -10.31 -1.27
C PHE A 248 4.67 -10.55 -0.26
N ILE A 249 5.50 -9.51 -0.08
CA ILE A 249 6.55 -9.49 0.93
C ILE A 249 6.46 -8.26 1.80
N TYR A 250 7.17 -8.33 2.93
CA TYR A 250 7.19 -7.28 3.93
C TYR A 250 8.51 -7.43 4.67
N PRO A 251 9.16 -6.31 5.00
CA PRO A 251 10.48 -6.43 5.60
C PRO A 251 10.43 -6.88 7.05
N LEU A 252 11.46 -7.61 7.46
CA LEU A 252 11.65 -7.89 8.86
C LEU A 252 11.73 -6.55 9.61
N TYR A 253 10.94 -6.44 10.69
CA TYR A 253 10.85 -5.23 11.50
C TYR A 253 9.98 -4.15 10.87
N GLY A 254 9.41 -4.44 9.71
CA GLY A 254 8.44 -3.57 9.08
C GLY A 254 9.02 -2.48 8.19
N LEU A 255 8.14 -1.59 7.73
CA LEU A 255 8.51 -0.60 6.73
C LEU A 255 9.41 0.54 7.28
N GLY A 256 9.86 0.43 8.54
CA GLY A 256 10.74 1.41 9.17
C GLY A 256 12.19 1.24 8.78
N GLY A 257 12.53 0.05 8.29
CA GLY A 257 13.82 -0.15 7.69
C GLY A 257 13.97 0.67 6.43
N ILE A 258 12.87 1.18 5.87
CA ILE A 258 12.97 1.83 4.57
C ILE A 258 13.57 3.24 4.72
N PRO A 259 12.98 4.11 5.57
CA PRO A 259 13.62 5.42 5.71
C PRO A 259 15.08 5.34 6.20
N GLU A 260 15.35 4.43 7.13
CA GLU A 260 16.71 4.14 7.63
C GLU A 260 17.64 3.73 6.49
N GLY A 261 17.17 2.77 5.70
CA GLY A 261 17.84 2.32 4.50
C GLY A 261 18.19 3.42 3.54
N PHE A 262 17.20 4.25 3.21
CA PHE A 262 17.44 5.34 2.25
C PHE A 262 18.34 6.44 2.82
N SER A 263 18.21 6.71 4.13
CA SER A 263 19.09 7.67 4.78
C SER A 263 20.55 7.22 4.67
N ARG A 264 20.77 5.94 4.96
CA ARG A 264 22.09 5.35 4.89
C ARG A 264 22.65 5.41 3.47
N MET A 265 21.84 5.00 2.49
CA MET A 265 22.24 5.03 1.09
C MET A 265 22.57 6.46 0.64
N CYS A 266 21.64 7.39 0.83
CA CYS A 266 21.84 8.77 0.36
C CYS A 266 23.09 9.45 0.90
N ALA A 267 23.44 9.10 2.13
CA ALA A 267 24.60 9.64 2.81
C ALA A 267 25.90 9.32 2.04
N ILE A 268 25.91 8.20 1.30
CA ILE A 268 27.03 7.83 0.40
C ILE A 268 27.36 8.89 -0.67
N ASN A 269 26.33 9.28 -1.42
CA ASN A 269 26.48 10.26 -2.50
C ASN A 269 26.67 11.69 -1.95
N THR A 272 22.11 14.31 2.77
CA THR A 272 21.81 13.70 4.05
C THR A 272 20.43 14.09 4.57
N PHE A 273 19.96 13.29 5.52
CA PHE A 273 18.64 13.43 6.10
C PHE A 273 18.82 14.18 7.41
N MET A 274 17.85 15.02 7.77
CA MET A 274 17.93 15.77 9.01
C MET A 274 16.59 15.80 9.72
N LEU A 275 16.59 15.33 10.95
CA LEU A 275 15.41 15.40 11.79
C LEU A 275 15.40 16.68 12.60
N ASN A 276 14.28 16.95 13.26
CA ASN A 276 14.14 18.12 14.13
C ASN A 276 14.42 19.46 13.44
N LYS A 277 14.10 19.53 12.15
CA LYS A 277 14.34 20.73 11.33
C LYS A 277 13.03 21.38 10.95
N ASN A 278 12.70 22.47 11.64
CA ASN A 278 11.39 23.11 11.48
C ASN A 278 11.36 24.21 10.41
N VAL A 279 10.86 23.85 9.24
CA VAL A 279 10.69 24.78 8.14
C VAL A 279 9.54 25.72 8.48
N VAL A 280 9.78 27.02 8.33
CA VAL A 280 8.74 28.01 8.61
C VAL A 280 8.35 28.84 7.39
N ASP A 281 9.01 28.62 6.24
CA ASP A 281 8.69 29.33 4.99
C ASP A 281 9.30 28.74 3.70
N PHE A 282 8.57 28.92 2.61
CA PHE A 282 9.10 28.80 1.28
C PHE A 282 9.55 30.17 0.81
N VAL A 283 10.63 30.21 0.04
CA VAL A 283 11.05 31.41 -0.66
C VAL A 283 10.66 31.25 -2.13
N PHE A 284 9.99 32.27 -2.66
CA PHE A 284 9.54 32.30 -4.06
C PHE A 284 10.25 33.38 -4.87
N ASP A 285 10.58 33.08 -6.13
CA ASP A 285 11.17 34.07 -7.01
C ASP A 285 10.10 34.99 -7.60
N ASP A 286 10.53 35.92 -8.45
CA ASP A 286 9.64 36.88 -9.12
C ASP A 286 8.54 36.24 -9.99
N ASP A 287 8.72 34.99 -10.41
CA ASP A 287 7.67 34.30 -11.16
C ASP A 287 6.87 33.34 -10.27
N ASN A 288 6.95 33.53 -8.96
CA ASN A 288 6.26 32.69 -7.98
C ASN A 288 6.64 31.21 -8.06
N LYS A 289 7.89 30.93 -8.43
CA LYS A 289 8.43 29.57 -8.43
C LYS A 289 9.34 29.41 -7.22
N VAL A 290 9.33 28.22 -6.64
CA VAL A 290 10.12 27.99 -5.44
C VAL A 290 11.61 28.18 -5.76
N CYS A 291 12.32 28.86 -4.86
CA CYS A 291 13.76 29.02 -5.02
C CYS A 291 14.50 28.72 -3.71
N GLY A 292 13.79 28.54 -2.60
CA GLY A 292 14.45 28.15 -1.35
C GLY A 292 13.52 27.84 -0.20
N ILE A 293 14.10 27.51 0.96
CA ILE A 293 13.34 27.27 2.21
C ILE A 293 14.07 27.85 3.43
N LYS A 294 13.31 28.26 4.44
CA LYS A 294 13.86 28.85 5.66
C LYS A 294 13.35 28.11 6.87
N SER A 295 14.12 28.12 7.96
CA SER A 295 13.71 27.45 9.19
C SER A 295 13.46 28.45 10.32
N SER A 296 12.97 27.96 11.47
CA SER A 296 12.77 28.79 12.66
C SER A 296 14.08 29.10 13.37
N ASP A 297 15.13 28.35 13.03
CA ASP A 297 16.46 28.53 13.59
C ASP A 297 17.36 29.32 12.66
N GLY A 298 16.76 30.11 11.77
CA GLY A 298 17.50 31.04 10.92
C GLY A 298 18.41 30.36 9.91
N GLU A 299 18.02 29.17 9.46
CA GLU A 299 18.74 28.47 8.40
C GLU A 299 18.05 28.76 7.08
N ILE A 300 18.83 28.92 6.02
CA ILE A 300 18.27 29.07 4.67
C ILE A 300 19.06 28.23 3.66
N ALA A 301 18.34 27.67 2.69
CA ALA A 301 18.96 27.01 1.55
C ALA A 301 18.14 27.29 0.31
N TYR A 302 18.81 27.30 -0.84
CA TYR A 302 18.15 27.55 -2.11
C TYR A 302 18.02 26.22 -2.86
N CYS A 303 17.02 26.14 -3.74
CA CYS A 303 16.76 24.92 -4.50
C CYS A 303 15.96 25.20 -5.76
N ASP A 304 15.98 24.26 -6.68
CA ASP A 304 15.25 24.38 -7.95
C ASP A 304 13.89 23.69 -7.86
N LYS A 305 13.79 22.67 -6.99
CA LYS A 305 12.54 21.96 -6.77
C LYS A 305 12.37 21.54 -5.34
N VAL A 306 11.11 21.31 -4.95
CA VAL A 306 10.81 20.76 -3.65
C VAL A 306 9.88 19.55 -3.84
N ILE A 307 10.09 18.51 -3.04
CA ILE A 307 9.10 17.40 -2.92
C ILE A 307 8.70 17.37 -1.48
N CYS A 308 7.39 17.33 -1.21
CA CYS A 308 6.98 17.29 0.18
C CYS A 308 5.64 16.61 0.33
N ASP A 309 5.33 16.24 1.55
CA ASP A 309 3.99 15.72 1.83
C ASP A 309 3.02 16.88 2.12
N PRO A 310 1.70 16.60 2.17
CA PRO A 310 0.73 17.66 2.29
C PRO A 310 0.87 18.54 3.54
N SER A 311 1.46 18.01 4.60
CA SER A 311 1.59 18.77 5.84
C SER A 311 2.48 19.98 5.71
N TYR A 312 3.34 20.00 4.69
CA TYR A 312 4.27 21.12 4.47
C TYR A 312 3.73 22.24 3.60
N VAL A 313 2.51 22.09 3.09
CA VAL A 313 1.91 23.07 2.20
C VAL A 313 0.54 23.50 2.65
N MET A 314 0.27 23.37 3.95
CA MET A 314 -1.06 23.69 4.46
C MET A 314 -1.34 25.20 4.46
N HIS A 315 -0.26 25.99 4.38
N HIS A 315 -0.31 26.05 4.41
CA HIS A 315 -0.34 27.45 4.27
CA HIS A 315 -0.59 27.49 4.26
C HIS A 315 -0.36 28.00 2.84
C HIS A 315 -0.20 28.02 2.86
N LEU A 316 -0.17 27.14 1.85
CA LEU A 316 -0.03 27.55 0.45
C LEU A 316 -1.31 27.32 -0.31
N LYS A 317 -1.59 28.25 -1.19
CA LYS A 317 -2.80 28.30 -1.99
C LYS A 317 -2.77 27.28 -3.13
N ASN A 318 -3.88 26.57 -3.32
CA ASN A 318 -4.08 25.71 -4.49
CA ASN A 318 -4.08 25.74 -4.52
C ASN A 318 -2.97 24.69 -4.71
N LYS A 319 -2.57 24.03 -3.63
CA LYS A 319 -1.55 22.98 -3.69
C LYS A 319 -2.16 21.60 -3.51
N ILE A 320 -3.11 21.49 -2.59
CA ILE A 320 -3.75 20.20 -2.32
C ILE A 320 -5.26 20.35 -2.23
N LYS A 321 -5.93 19.23 -2.47
CA LYS A 321 -7.37 19.15 -2.40
C LYS A 321 -7.70 17.95 -1.54
N LYS A 322 -8.57 18.13 -0.55
CA LYS A 322 -9.05 17.02 0.26
C LYS A 322 -10.10 16.22 -0.52
N ILE A 323 -9.90 14.91 -0.62
CA ILE A 323 -10.85 14.05 -1.35
C ILE A 323 -11.65 13.11 -0.46
N GLY A 324 -11.37 13.15 0.85
CA GLY A 324 -12.00 12.22 1.79
C GLY A 324 -11.15 11.99 3.04
N GLN A 325 -11.45 10.90 3.73
CA GLN A 325 -10.69 10.48 4.92
C GLN A 325 -10.48 8.97 4.88
N VAL A 326 -9.44 8.51 5.57
CA VAL A 326 -9.13 7.10 5.75
C VAL A 326 -9.17 6.79 7.25
N ILE A 327 -9.68 5.60 7.62
CA ILE A 327 -9.59 5.11 9.00
C ILE A 327 -8.73 3.87 8.98
N ARG A 328 -7.80 3.82 9.92
CA ARG A 328 -7.02 2.64 10.20
C ARG A 328 -7.13 2.30 11.67
N CYS A 329 -7.40 1.02 11.94
CA CYS A 329 -7.55 0.52 13.28
C CYS A 329 -6.55 -0.59 13.46
N ILE A 330 -5.54 -0.31 14.29
CA ILE A 330 -4.54 -1.29 14.69
C ILE A 330 -5.05 -2.06 15.90
N CYS A 331 -5.08 -3.39 15.79
CA CYS A 331 -5.65 -4.26 16.81
C CYS A 331 -4.61 -5.28 17.28
N ILE A 332 -4.37 -5.33 18.58
CA ILE A 332 -3.53 -6.36 19.14
C ILE A 332 -4.42 -7.57 19.40
N LEU A 333 -4.02 -8.70 18.84
CA LEU A 333 -4.72 -9.98 19.03
C LEU A 333 -3.89 -10.99 19.83
N SER A 334 -4.59 -11.90 20.53
CA SER A 334 -3.98 -13.00 21.28
C SER A 334 -3.61 -14.19 20.41
N ASN A 335 -4.21 -14.27 19.21
CA ASN A 335 -4.10 -15.43 18.33
C ASN A 335 -4.22 -14.99 16.88
N PRO A 336 -3.83 -15.88 15.92
CA PRO A 336 -4.08 -15.54 14.53
C PRO A 336 -5.56 -15.25 14.22
N ILE A 337 -5.80 -14.54 13.13
CA ILE A 337 -7.15 -14.29 12.66
C ILE A 337 -7.86 -15.64 12.37
N PRO A 338 -9.05 -15.85 12.97
CA PRO A 338 -9.77 -17.11 12.68
C PRO A 338 -9.96 -17.33 11.17
N GLU A 339 -9.83 -18.59 10.73
CA GLU A 339 -10.07 -18.96 9.33
C GLU A 339 -9.00 -18.44 8.34
N THR A 340 -7.80 -18.19 8.83
CA THR A 340 -6.68 -17.86 7.97
C THR A 340 -5.57 -18.90 8.19
N ASN A 341 -5.96 -20.11 8.57
CA ASN A 341 -5.04 -21.23 8.63
C ASN A 341 -3.87 -20.98 9.58
N GLN A 342 -4.15 -20.24 10.66
CA GLN A 342 -3.17 -19.92 11.68
C GLN A 342 -1.94 -19.20 11.10
N THR A 343 -2.14 -18.46 10.01
CA THR A 343 -1.02 -17.74 9.38
C THR A 343 -0.43 -16.67 10.29
N ASN A 344 0.88 -16.49 10.18
CA ASN A 344 1.61 -15.50 11.00
C ASN A 344 1.66 -14.13 10.35
N SER A 345 1.29 -14.10 9.07
CA SER A 345 1.06 -12.88 8.36
C SER A 345 0.05 -13.16 7.25
N CYS A 346 -0.84 -12.20 7.00
CA CYS A 346 -1.78 -12.36 5.90
C CYS A 346 -2.41 -11.03 5.51
N GLN A 347 -3.01 -11.02 4.33
CA GLN A 347 -3.77 -9.91 3.77
C GLN A 347 -5.19 -10.43 3.47
N ILE A 348 -6.19 -9.65 3.86
CA ILE A 348 -7.58 -9.90 3.54
C ILE A 348 -8.13 -8.72 2.78
N ILE A 349 -8.59 -8.98 1.57
CA ILE A 349 -9.21 -7.99 0.73
C ILE A 349 -10.72 -8.19 0.80
N ILE A 350 -11.42 -7.13 1.17
CA ILE A 350 -12.90 -7.16 1.24
C ILE A 350 -13.53 -6.33 0.11
N PRO A 351 -14.02 -7.01 -0.94
CA PRO A 351 -14.58 -6.27 -2.06
C PRO A 351 -15.80 -5.47 -1.60
N GLN A 352 -15.89 -4.24 -2.09
CA GLN A 352 -16.91 -3.29 -1.62
C GLN A 352 -18.36 -3.81 -1.67
N ASN A 353 -18.69 -4.59 -2.72
N ASN A 353 -18.71 -4.56 -2.72
CA ASN A 353 -20.06 -5.11 -2.87
CA ASN A 353 -20.08 -5.06 -2.84
C ASN A 353 -20.46 -6.10 -1.77
C ASN A 353 -20.45 -5.99 -1.68
N GLN A 354 -19.46 -6.69 -1.12
CA GLN A 354 -19.67 -7.56 0.03
C GLN A 354 -20.16 -6.87 1.31
N LEU A 355 -19.84 -5.60 1.44
CA LEU A 355 -20.29 -4.85 2.61
C LEU A 355 -21.19 -3.69 2.21
N ASN A 356 -21.76 -3.76 1.02
CA ASN A 356 -22.77 -2.78 0.56
CA ASN A 356 -22.79 -2.81 0.62
C ASN A 356 -22.29 -1.36 0.60
N ARG A 357 -21.06 -1.15 0.11
CA ARG A 357 -20.40 0.13 0.19
C ARG A 357 -19.68 0.40 -1.11
N LYS A 358 -19.08 1.56 -1.21
CA LYS A 358 -18.56 2.04 -2.49
C LYS A 358 -17.03 2.04 -2.55
N SER A 359 -16.40 1.41 -1.56
CA SER A 359 -14.94 1.27 -1.60
C SER A 359 -14.51 0.08 -0.76
N ASP A 360 -13.42 -0.59 -1.17
CA ASP A 360 -13.03 -1.84 -0.52
C ASP A 360 -12.52 -1.58 0.92
N ILE A 361 -12.52 -2.62 1.71
CA ILE A 361 -11.88 -2.60 3.04
C ILE A 361 -10.79 -3.66 3.05
N TYR A 362 -9.72 -3.39 3.81
CA TYR A 362 -8.53 -4.23 3.80
C TYR A 362 -8.09 -4.55 5.23
N ILE A 363 -7.51 -5.73 5.42
CA ILE A 363 -6.95 -6.12 6.71
C ILE A 363 -5.58 -6.76 6.48
N ASN A 364 -4.54 -6.19 7.10
CA ASN A 364 -3.22 -6.84 7.13
C ASN A 364 -2.95 -7.40 8.51
N LEU A 365 -2.26 -8.53 8.55
CA LEU A 365 -1.93 -9.19 9.80
C LEU A 365 -0.43 -9.45 9.78
N VAL A 366 0.25 -9.02 10.86
CA VAL A 366 1.66 -9.28 11.08
C VAL A 366 1.93 -9.63 12.54
N SER A 367 3.09 -10.23 12.78
CA SER A 367 3.35 -10.80 14.09
C SER A 367 4.85 -10.92 14.35
N PHE A 368 5.21 -11.79 15.29
CA PHE A 368 6.60 -12.09 15.58
C PHE A 368 7.36 -12.57 14.33
N GLN A 369 6.68 -13.24 13.40
CA GLN A 369 7.33 -13.66 12.14
C GLN A 369 8.11 -12.53 11.48
N HIS A 370 7.49 -11.35 11.37
CA HIS A 370 8.14 -10.17 10.77
C HIS A 370 8.81 -9.24 11.79
N GLY A 371 9.01 -9.70 13.01
CA GLY A 371 9.68 -8.91 14.04
C GLY A 371 8.96 -7.64 14.46
N VAL A 372 7.63 -7.66 14.40
CA VAL A 372 6.87 -6.45 14.68
C VAL A 372 6.06 -6.51 15.99
N THR A 373 5.84 -7.72 16.52
CA THR A 373 5.18 -7.90 17.81
C THR A 373 5.91 -8.92 18.69
N LEU A 374 5.58 -8.91 19.98
CA LEU A 374 6.00 -9.94 20.92
C LEU A 374 5.54 -11.32 20.45
N LYS A 375 6.38 -12.34 20.66
CA LYS A 375 5.99 -13.69 20.27
C LYS A 375 4.70 -14.03 21.01
N GLY A 376 3.72 -14.57 20.28
CA GLY A 376 2.44 -14.95 20.88
C GLY A 376 1.39 -13.87 20.70
N LYS A 377 1.80 -12.69 20.27
CA LYS A 377 0.83 -11.63 19.96
C LYS A 377 0.84 -11.34 18.45
N TYR A 378 -0.28 -10.78 17.98
CA TYR A 378 -0.44 -10.46 16.58
C TYR A 378 -1.01 -9.05 16.47
N ILE A 379 -0.78 -8.44 15.31
N ILE A 379 -0.74 -8.36 15.36
CA ILE A 379 -1.36 -7.14 14.99
CA ILE A 379 -1.47 -7.14 15.08
C ILE A 379 -2.15 -7.23 13.68
C ILE A 379 -2.14 -7.22 13.72
N ALA A 380 -3.43 -6.89 13.73
CA ALA A 380 -4.27 -6.80 12.55
C ALA A 380 -4.65 -5.33 12.35
N ILE A 381 -4.45 -4.84 11.14
CA ILE A 381 -4.70 -3.45 10.81
C ILE A 381 -5.80 -3.39 9.77
N VAL A 382 -6.95 -2.86 10.19
CA VAL A 382 -8.11 -2.71 9.33
C VAL A 382 -8.07 -1.31 8.75
N SER A 383 -8.23 -1.17 7.42
CA SER A 383 -8.21 0.12 6.78
C SER A 383 -9.39 0.26 5.83
N ALA A 384 -9.96 1.45 5.81
CA ALA A 384 -11.11 1.75 5.00
C ALA A 384 -11.13 3.21 4.57
N THR A 385 -11.76 3.48 3.44
CA THR A 385 -12.11 4.85 3.06
C THR A 385 -13.39 5.21 3.74
N VAL A 386 -13.41 6.38 4.39
CA VAL A 386 -14.57 6.79 5.16
C VAL A 386 -15.70 7.22 4.20
N GLU A 387 -16.85 6.59 4.30
CA GLU A 387 -18.01 6.91 3.49
C GLU A 387 -19.20 7.51 4.25
N THR A 388 -19.14 7.49 5.59
CA THR A 388 -20.25 7.90 6.42
C THR A 388 -19.80 8.84 7.56
N ASN A 389 -20.81 9.30 8.31
N ASN A 389 -20.77 9.34 8.33
CA ASN A 389 -20.65 10.12 9.52
CA ASN A 389 -20.49 10.17 9.49
C ASN A 389 -20.00 9.38 10.69
C ASN A 389 -20.20 9.34 10.75
N ASN A 390 -19.95 8.05 10.59
CA ASN A 390 -19.51 7.17 11.69
C ASN A 390 -18.56 6.08 11.21
N PRO A 391 -17.30 6.46 10.93
CA PRO A 391 -16.33 5.49 10.37
C PRO A 391 -16.04 4.30 11.26
N ILE A 392 -16.07 4.48 12.57
CA ILE A 392 -15.90 3.34 13.46
C ILE A 392 -16.94 2.24 13.20
N LYS A 393 -18.17 2.66 12.92
CA LYS A 393 -19.22 1.72 12.58
C LYS A 393 -18.95 1.02 11.21
N GLU A 394 -18.34 1.73 10.27
CA GLU A 394 -18.03 1.15 8.96
C GLU A 394 -17.05 -0.03 9.05
N ILE A 395 -16.24 -0.07 10.09
CA ILE A 395 -15.30 -1.19 10.26
C ILE A 395 -15.75 -2.23 11.28
N GLU A 396 -16.99 -2.12 11.74
CA GLU A 396 -17.52 -3.08 12.72
C GLU A 396 -17.50 -4.52 12.21
N LYS A 397 -18.02 -4.76 11.01
CA LYS A 397 -18.06 -6.12 10.47
CA LYS A 397 -18.07 -6.12 10.46
C LYS A 397 -16.66 -6.67 10.20
N PRO A 398 -15.77 -5.87 9.58
CA PRO A 398 -14.41 -6.35 9.45
C PRO A 398 -13.74 -6.71 10.78
N LEU A 399 -13.94 -5.88 11.82
CA LEU A 399 -13.38 -6.16 13.13
C LEU A 399 -13.90 -7.46 13.72
N GLU A 400 -15.14 -7.81 13.39
CA GLU A 400 -15.72 -9.10 13.85
C GLU A 400 -15.01 -10.32 13.30
N LEU A 401 -14.23 -10.16 12.23
CA LEU A 401 -13.46 -11.25 11.68
C LEU A 401 -12.26 -11.66 12.53
N LEU A 402 -11.84 -10.79 13.47
CA LEU A 402 -10.48 -10.91 14.05
C LEU A 402 -10.35 -11.78 15.31
N GLY A 403 -11.48 -12.26 15.84
CA GLY A 403 -11.50 -12.95 17.10
C GLY A 403 -11.38 -11.94 18.22
N THR A 404 -10.83 -12.40 19.35
CA THR A 404 -10.73 -11.55 20.52
C THR A 404 -9.68 -10.47 20.31
N ILE A 405 -10.10 -9.22 20.42
CA ILE A 405 -9.20 -8.09 20.26
C ILE A 405 -8.80 -7.57 21.63
N GLU A 406 -7.50 -7.52 21.90
CA GLU A 406 -7.03 -7.03 23.23
C GLU A 406 -7.08 -5.53 23.34
N GLU A 407 -6.60 -4.86 22.30
CA GLU A 407 -6.53 -3.40 22.25
C GLU A 407 -6.73 -2.89 20.83
N LYS A 408 -7.31 -1.70 20.71
CA LYS A 408 -7.52 -1.01 19.44
C LYS A 408 -6.85 0.37 19.48
N PHE A 409 -6.17 0.70 18.41
CA PHE A 409 -5.56 1.99 18.23
C PHE A 409 -6.07 2.60 16.90
N VAL A 410 -6.95 3.58 16.98
CA VAL A 410 -7.66 4.09 15.83
C VAL A 410 -7.14 5.45 15.40
N LYS A 411 -6.91 5.63 14.10
CA LYS A 411 -6.48 6.92 13.54
C LYS A 411 -7.28 7.22 12.28
N ILE A 412 -7.91 8.38 12.28
CA ILE A 412 -8.62 8.87 11.12
C ILE A 412 -7.87 10.05 10.53
N SER A 413 -7.57 9.97 9.24
CA SER A 413 -6.73 10.98 8.58
C SER A 413 -7.42 11.55 7.34
N ASP A 414 -7.17 12.83 7.05
CA ASP A 414 -7.64 13.43 5.82
C ASP A 414 -6.81 12.92 4.65
N LEU A 415 -7.46 12.71 3.53
CA LEU A 415 -6.82 12.30 2.27
C LEU A 415 -6.73 13.49 1.35
N TYR A 416 -5.49 13.84 0.99
CA TYR A 416 -5.18 14.88 0.03
C TYR A 416 -4.58 14.32 -1.24
N VAL A 417 -4.90 14.98 -2.33
CA VAL A 417 -4.17 14.83 -3.56
C VAL A 417 -3.66 16.19 -4.00
N SER A 418 -2.69 16.19 -4.89
CA SER A 418 -2.13 17.43 -5.40
C SER A 418 -3.09 18.02 -6.41
N THR A 419 -3.13 19.34 -6.56
CA THR A 419 -4.05 19.97 -7.53
C THR A 419 -3.53 20.01 -8.98
N SER A 420 -2.25 19.72 -9.19
CA SER A 420 -1.77 19.50 -10.56
C SER A 420 -0.55 18.57 -10.58
N LYS A 421 -0.37 17.89 -11.71
CA LYS A 421 0.68 16.88 -11.86
C LYS A 421 2.03 17.52 -12.15
N LYS A 422 2.01 18.71 -12.74
CA LYS A 422 3.23 19.43 -13.06
C LYS A 422 3.07 20.89 -12.64
N PRO A 423 3.25 21.15 -11.34
CA PRO A 423 3.07 22.48 -10.80
C PRO A 423 4.13 23.45 -11.33
N ALA A 424 3.65 24.59 -11.81
CA ALA A 424 4.51 25.67 -12.32
C ALA A 424 5.52 26.12 -11.28
N ASP A 425 5.14 26.07 -10.00
CA ASP A 425 6.00 26.55 -8.93
C ASP A 425 7.11 25.57 -8.53
N ASN A 426 7.11 24.37 -9.11
CA ASN A 426 8.14 23.34 -8.80
C ASN A 426 8.09 22.80 -7.36
N ILE A 427 6.91 22.85 -6.74
CA ILE A 427 6.68 22.23 -5.46
C ILE A 427 5.76 21.03 -5.73
N PHE A 428 6.35 19.84 -5.67
CA PHE A 428 5.66 18.58 -6.01
C PHE A 428 5.22 17.96 -4.72
N VAL A 429 3.91 17.77 -4.57
CA VAL A 429 3.33 17.30 -3.32
C VAL A 429 2.87 15.84 -3.47
N THR A 430 3.32 14.99 -2.57
CA THR A 430 2.86 13.58 -2.54
C THR A 430 1.41 13.51 -2.04
N SER A 431 0.64 12.59 -2.60
CA SER A 431 -0.71 12.33 -2.10
C SER A 431 -0.67 11.61 -0.76
N SER A 432 -1.75 11.71 0.01
CA SER A 432 -1.85 10.99 1.25
C SER A 432 -1.94 9.50 0.94
N TYR A 433 -1.45 8.66 1.87
CA TYR A 433 -1.54 7.20 1.73
C TYR A 433 -3.01 6.77 1.82
N ASP A 434 -3.42 5.96 0.86
CA ASP A 434 -4.82 5.46 0.81
C ASP A 434 -5.02 4.18 1.61
N ALA A 435 -6.27 3.72 1.67
CA ALA A 435 -6.64 2.60 2.48
C ALA A 435 -6.08 1.25 2.01
N THR A 436 -5.53 1.16 0.79
CA THR A 436 -5.15 -0.18 0.28
C THR A 436 -4.08 -0.83 1.20
N SER A 437 -4.05 -2.15 1.22
CA SER A 437 -3.20 -2.94 2.12
C SER A 437 -1.87 -3.30 1.43
N HIS A 438 -1.73 -2.86 0.18
CA HIS A 438 -0.54 -3.09 -0.60
C HIS A 438 -0.04 -1.78 -1.15
N PHE A 439 1.13 -1.83 -1.80
CA PHE A 439 1.90 -0.59 -2.01
C PHE A 439 1.68 0.08 -3.38
N GLU A 440 0.96 -0.56 -4.28
CA GLU A 440 0.94 -0.12 -5.68
C GLU A 440 0.55 1.35 -5.86
N THR A 441 -0.52 1.77 -5.21
CA THR A 441 -1.00 3.12 -5.42
C THR A 441 -0.01 4.18 -4.89
N ALA A 442 0.75 3.84 -3.85
CA ALA A 442 1.80 4.72 -3.37
C ALA A 442 2.91 4.80 -4.39
N THR A 443 3.33 3.66 -4.91
CA THR A 443 4.39 3.63 -5.94
C THR A 443 3.95 4.42 -7.19
N ASN A 444 2.69 4.24 -7.60
CA ASN A 444 2.15 4.99 -8.74
C ASN A 444 2.27 6.51 -8.56
N ASP A 445 1.94 6.99 -7.37
CA ASP A 445 2.04 8.42 -7.08
C ASP A 445 3.48 8.90 -7.17
N LEU A 446 4.42 8.20 -6.52
CA LEU A 446 5.81 8.63 -6.57
C LEU A 446 6.38 8.53 -7.98
N LEU A 447 5.95 7.53 -8.75
CA LEU A 447 6.35 7.45 -10.16
C LEU A 447 5.83 8.62 -11.00
N GLN A 448 4.59 9.04 -10.74
CA GLN A 448 4.01 10.20 -11.42
C GLN A 448 4.82 11.45 -11.06
N ILE A 449 5.13 11.64 -9.78
CA ILE A 449 5.97 12.77 -9.38
C ILE A 449 7.33 12.73 -10.12
N TRP A 450 7.99 11.56 -10.11
CA TRP A 450 9.27 11.41 -10.85
C TRP A 450 9.19 11.79 -12.34
N GLU A 451 8.19 11.26 -13.03
CA GLU A 451 7.96 11.57 -14.45
C GLU A 451 7.92 13.08 -14.71
N ASN A 452 7.24 13.80 -13.82
CA ASN A 452 6.99 15.23 -14.00
C ASN A 452 8.08 16.14 -13.49
N LEU A 453 8.95 15.62 -12.64
CA LEU A 453 10.15 16.33 -12.21
C LEU A 453 11.10 16.47 -13.39
N TRP A 454 11.33 15.38 -14.12
N TRP A 454 11.29 15.35 -14.08
CA TRP A 454 12.31 15.39 -15.20
CA TRP A 454 12.29 15.18 -15.13
C TRP A 454 11.74 15.12 -16.59
C TRP A 454 11.73 15.19 -16.55
N GLY A 455 10.43 14.95 -16.68
CA GLY A 455 9.77 14.81 -18.00
C GLY A 455 9.92 13.43 -18.63
N GLN A 456 10.48 12.49 -17.88
CA GLN A 456 10.77 11.15 -18.40
C GLN A 456 10.36 10.11 -17.38
N LYS A 457 9.65 9.08 -17.83
CA LYS A 457 9.29 7.96 -16.95
C LYS A 457 10.57 7.27 -16.48
N LEU A 458 10.49 6.67 -15.31
CA LEU A 458 11.57 5.86 -14.78
C LEU A 458 11.60 4.58 -15.61
N ASN A 459 12.81 4.14 -15.98
CA ASN A 459 12.98 2.96 -16.82
C ASN A 459 13.51 1.79 -16.02
N PHE A 460 12.94 0.61 -16.26
CA PHE A 460 13.39 -0.65 -15.65
C PHE A 460 13.80 -1.66 -16.72
#